data_8W5N
#
_entry.id   8W5N
#
_cell.length_a   1.00
_cell.length_b   1.00
_cell.length_c   1.00
_cell.angle_alpha   90.00
_cell.angle_beta   90.00
_cell.angle_gamma   90.00
#
_symmetry.space_group_name_H-M   'P 1'
#
loop_
_entity.id
_entity.type
_entity.pdbx_description
1 polymer 'Minor capsid protein A1'
2 polymer 'Heavy chain of Ab21'
3 polymer 'Light chain of Ab21'
#
loop_
_entity_poly.entity_id
_entity_poly.type
_entity_poly.pdbx_seq_one_letter_code
_entity_poly.pdbx_strand_id
1 'polypeptide(L)'
;MAKLETVTLGNIGKDGKQTLVLNPRGVNPTNGVASLSQAGAVPALEKRVTVSVSQPSRNRKNYKVQVKIQNPTACTANGS
CDPSVTRQAYADVTFSFTQYSTDEERAFVRTELAALLASPLLIDAIDQLNPAY
;
A,B,C
2 'polypeptide(L)'
;VHSEVQLVESGGGLVKSGGSLKLSCAASGFTFSSYAMSWVRQTPEKRLEWVATISDGGRYIYYSDNVEGRFTISRDNAKN
NLYLQMSHLKSEDTAIYHCARDSSGYFPYFSYWGQGTLVTVSAA
;
H
3 'polypeptide(L)'
;VHSNIVLTQSPASLAVSLGQRATISCRASESVDHSGNNFIHWYQQKPGQPPKLLIYLASHLESGVPARFSGSGSRTDFTL
TIDPVEADDFATYYCQQNNEVPLTFGAGTKLEIK
;
L
#
# COMPACT_ATOMS: atom_id res chain seq x y z
N ALA A 2 13.12 -9.79 29.31
CA ALA A 2 12.75 -8.89 30.40
C ALA A 2 11.92 -9.65 31.44
N LYS A 3 10.80 -9.06 31.84
CA LYS A 3 9.91 -9.67 32.82
C LYS A 3 8.54 -9.90 32.17
N LEU A 4 7.98 -11.09 32.41
CA LEU A 4 6.64 -11.36 31.93
C LEU A 4 5.60 -10.59 32.74
N GLU A 5 5.24 -9.42 32.26
CA GLU A 5 4.20 -8.61 32.84
C GLU A 5 2.96 -8.70 31.97
N THR A 6 1.95 -7.93 32.33
CA THR A 6 0.79 -7.78 31.46
C THR A 6 1.08 -6.77 30.36
N VAL A 7 0.46 -6.98 29.21
CA VAL A 7 0.74 -6.21 28.00
C VAL A 7 -0.56 -5.63 27.50
N THR A 8 -0.65 -4.31 27.47
CA THR A 8 -1.81 -3.61 26.93
C THR A 8 -1.44 -3.08 25.55
N LEU A 9 -1.97 -3.69 24.51
CA LEU A 9 -1.74 -3.25 23.15
C LEU A 9 -2.80 -2.24 22.77
N GLY A 10 -2.38 -1.01 22.48
CA GLY A 10 -3.32 0.04 22.16
C GLY A 10 -3.27 0.43 20.70
N ASN A 11 -4.34 1.09 20.22
CA ASN A 11 -4.51 1.49 18.82
C ASN A 11 -4.37 0.30 17.88
N ILE A 12 -5.04 -0.79 18.22
CA ILE A 12 -4.99 -2.02 17.48
C ILE A 12 -6.28 -2.09 16.64
N GLY A 13 -6.27 -2.90 15.60
CA GLY A 13 -7.41 -3.01 14.71
C GLY A 13 -7.28 -2.11 13.50
N LYS A 14 -8.22 -2.29 12.58
CA LYS A 14 -8.21 -1.52 11.34
C LYS A 14 -8.52 -0.06 11.59
N ASP A 15 -9.61 0.23 12.33
CA ASP A 15 -9.92 1.60 12.70
C ASP A 15 -8.92 2.16 13.70
N GLY A 16 -8.33 1.29 14.51
CA GLY A 16 -7.32 1.73 15.46
C GLY A 16 -7.86 2.24 16.78
N LYS A 17 -9.01 1.73 17.22
CA LYS A 17 -9.60 2.17 18.48
C LYS A 17 -9.72 1.05 19.49
N GLN A 18 -9.30 -0.16 19.13
CA GLN A 18 -9.49 -1.31 19.99
C GLN A 18 -8.30 -1.47 20.93
N THR A 19 -8.46 -2.36 21.92
CA THR A 19 -7.36 -2.78 22.79
C THR A 19 -7.31 -4.29 22.80
N LEU A 20 -6.16 -4.81 23.23
CA LEU A 20 -5.98 -6.24 23.44
C LEU A 20 -5.04 -6.41 24.62
N VAL A 21 -5.59 -6.76 25.75
CA VAL A 21 -4.82 -6.93 26.99
C VAL A 21 -4.42 -8.39 27.13
N LEU A 22 -3.19 -8.61 27.60
CA LEU A 22 -2.57 -9.93 27.56
C LEU A 22 -1.89 -10.23 28.89
N ASN A 23 -2.34 -11.28 29.57
CA ASN A 23 -1.73 -11.71 30.81
C ASN A 23 -0.71 -12.81 30.57
N PRO A 24 0.38 -12.83 31.33
CA PRO A 24 1.39 -13.87 31.12
C PRO A 24 0.93 -15.23 31.59
N ARG A 25 1.40 -16.26 30.89
CA ARG A 25 1.03 -17.64 31.19
C ARG A 25 2.25 -18.50 31.50
N GLY A 26 3.37 -17.88 31.84
CA GLY A 26 4.55 -18.61 32.26
C GLY A 26 5.35 -19.25 31.15
N VAL A 27 6.66 -19.40 31.34
CA VAL A 27 7.50 -20.04 30.36
C VAL A 27 7.32 -21.54 30.42
N ASN A 28 7.87 -22.23 29.43
CA ASN A 28 7.75 -23.67 29.28
C ASN A 28 9.11 -24.28 29.52
N PRO A 29 9.30 -25.16 30.50
CA PRO A 29 10.64 -25.74 30.73
C PRO A 29 11.08 -26.70 29.64
N THR A 30 10.18 -27.17 28.79
CA THR A 30 10.58 -28.06 27.70
C THR A 30 11.31 -27.28 26.61
N ASN A 31 10.81 -26.09 26.27
CA ASN A 31 11.33 -25.32 25.15
C ASN A 31 11.81 -23.92 25.48
N GLY A 32 11.46 -23.36 26.64
CA GLY A 32 11.85 -22.00 26.93
C GLY A 32 11.06 -20.97 26.17
N VAL A 33 9.76 -21.20 26.01
CA VAL A 33 8.90 -20.34 25.20
C VAL A 33 7.97 -19.61 26.15
N ALA A 34 8.13 -18.29 26.24
CA ALA A 34 7.18 -17.48 26.99
C ALA A 34 5.84 -17.45 26.28
N SER A 35 4.76 -17.38 27.05
CA SER A 35 3.42 -17.44 26.51
C SER A 35 2.57 -16.35 27.14
N LEU A 36 1.59 -15.85 26.36
CA LEU A 36 0.62 -14.88 26.86
C LEU A 36 -0.73 -15.26 26.30
N SER A 37 -1.78 -14.73 26.91
CA SER A 37 -3.15 -15.04 26.50
C SER A 37 -4.06 -13.87 26.86
N GLN A 38 -5.26 -13.87 26.29
CA GLN A 38 -6.17 -12.75 26.43
C GLN A 38 -6.73 -12.68 27.85
N ALA A 39 -6.98 -11.45 28.31
CA ALA A 39 -7.44 -11.23 29.68
C ALA A 39 -8.94 -11.47 29.75
N GLY A 40 -9.31 -12.68 30.11
CA GLY A 40 -10.69 -13.03 30.36
C GLY A 40 -11.27 -13.74 29.15
N ALA A 41 -11.22 -15.06 29.19
CA ALA A 41 -11.68 -16.00 28.18
C ALA A 41 -11.40 -17.38 28.76
N VAL A 42 -12.11 -18.37 28.23
CA VAL A 42 -11.88 -19.74 28.69
C VAL A 42 -10.62 -20.22 27.99
N PRO A 43 -9.91 -21.22 28.51
CA PRO A 43 -8.81 -21.82 27.76
C PRO A 43 -9.31 -22.46 26.48
N ALA A 44 -8.42 -22.52 25.49
CA ALA A 44 -8.67 -23.00 24.13
C ALA A 44 -9.79 -22.23 23.43
N LEU A 45 -10.05 -20.99 23.82
CA LEU A 45 -10.87 -20.08 23.03
C LEU A 45 -10.34 -18.65 23.15
N GLU A 46 -9.03 -18.49 23.29
CA GLU A 46 -8.47 -17.17 23.54
C GLU A 46 -7.32 -16.88 22.59
N LYS A 47 -6.91 -15.62 22.55
CA LYS A 47 -5.86 -15.18 21.65
C LYS A 47 -4.50 -15.37 22.29
N ARG A 48 -3.60 -16.07 21.61
CA ARG A 48 -2.32 -16.47 22.18
C ARG A 48 -1.17 -15.74 21.50
N VAL A 49 -0.16 -15.39 22.30
CA VAL A 49 1.09 -14.81 21.82
C VAL A 49 2.23 -15.55 22.49
N THR A 50 3.17 -16.06 21.69
CA THR A 50 4.36 -16.72 22.23
C THR A 50 5.61 -16.02 21.72
N VAL A 51 6.71 -16.22 22.45
CA VAL A 51 8.00 -15.62 22.12
C VAL A 51 9.11 -16.48 22.72
N SER A 52 10.19 -16.67 21.97
CA SER A 52 11.26 -17.56 22.40
C SER A 52 12.58 -17.13 21.76
N VAL A 53 13.63 -17.05 22.57
CA VAL A 53 14.95 -16.60 22.14
C VAL A 53 15.91 -17.77 22.25
N SER A 54 16.67 -18.03 21.20
CA SER A 54 17.64 -19.11 21.19
C SER A 54 19.05 -18.57 21.14
N GLN A 55 19.98 -19.33 21.70
CA GLN A 55 21.41 -19.03 21.73
C GLN A 55 22.13 -19.87 20.68
N PRO A 56 23.40 -19.58 20.38
CA PRO A 56 24.18 -20.50 19.55
C PRO A 56 24.39 -21.85 20.22
N SER A 57 24.74 -22.82 19.39
CA SER A 57 24.96 -24.19 19.84
C SER A 57 26.00 -24.81 18.92
N ARG A 58 26.11 -26.13 18.93
CA ARG A 58 26.91 -26.81 17.92
C ARG A 58 26.18 -26.93 16.60
N ASN A 59 24.86 -26.76 16.60
CA ASN A 59 24.11 -26.77 15.35
C ASN A 59 24.14 -25.43 14.65
N ARG A 60 23.62 -24.39 15.30
CA ARG A 60 23.49 -23.08 14.69
C ARG A 60 24.45 -22.09 15.36
N LYS A 61 25.06 -21.24 14.53
CA LYS A 61 26.10 -20.33 14.96
C LYS A 61 25.58 -18.93 15.28
N ASN A 62 24.26 -18.75 15.31
CA ASN A 62 23.69 -17.42 15.46
C ASN A 62 22.43 -17.48 16.30
N TYR A 63 21.98 -16.32 16.72
CA TYR A 63 20.81 -16.19 17.56
C TYR A 63 19.53 -16.29 16.75
N LYS A 64 18.41 -16.45 17.45
CA LYS A 64 17.13 -16.67 16.79
C LYS A 64 16.03 -16.24 17.76
N VAL A 65 15.38 -15.14 17.45
CA VAL A 65 14.19 -14.68 18.18
C VAL A 65 12.99 -15.05 17.32
N GLN A 66 11.89 -15.45 17.96
CA GLN A 66 10.76 -15.98 17.20
C GLN A 66 9.47 -15.67 17.94
N VAL A 67 8.65 -14.80 17.34
CA VAL A 67 7.34 -14.46 17.88
C VAL A 67 6.32 -15.24 17.06
N LYS A 68 5.21 -15.63 17.69
CA LYS A 68 4.23 -16.46 17.01
C LYS A 68 2.88 -16.22 17.66
N ILE A 69 1.95 -15.60 16.93
CA ILE A 69 0.64 -15.25 17.48
C ILE A 69 -0.43 -16.06 16.76
N GLN A 70 -1.48 -16.42 17.49
CA GLN A 70 -2.65 -17.04 16.90
C GLN A 70 -3.89 -16.49 17.59
N ASN A 71 -5.00 -16.48 16.87
CA ASN A 71 -6.25 -15.95 17.40
C ASN A 71 -7.47 -16.55 16.70
N PRO A 72 -8.29 -17.32 17.44
CA PRO A 72 -9.38 -18.07 16.81
C PRO A 72 -10.63 -17.24 16.57
N THR A 73 -11.67 -17.90 16.05
CA THR A 73 -12.98 -17.29 15.87
C THR A 73 -14.04 -18.22 16.42
N ALA A 74 -14.89 -17.71 17.30
CA ALA A 74 -15.87 -18.50 18.03
C ALA A 74 -17.23 -18.42 17.35
N CYS A 75 -17.82 -19.58 17.09
CA CYS A 75 -19.14 -19.67 16.47
C CYS A 75 -20.07 -20.42 17.41
N THR A 76 -20.94 -19.67 18.09
CA THR A 76 -21.90 -20.26 19.01
C THR A 76 -23.02 -20.90 18.20
N ALA A 77 -22.91 -22.21 17.97
CA ALA A 77 -23.91 -22.90 17.19
C ALA A 77 -25.19 -23.12 18.01
N ASN A 78 -26.27 -23.39 17.31
CA ASN A 78 -27.55 -23.64 17.96
C ASN A 78 -27.54 -25.05 18.56
N GLY A 79 -28.11 -25.17 19.76
CA GLY A 79 -28.14 -26.44 20.45
C GLY A 79 -26.87 -26.79 21.17
N SER A 80 -26.08 -25.80 21.56
CA SER A 80 -24.83 -26.04 22.28
C SER A 80 -24.53 -24.83 23.13
N CYS A 81 -24.09 -25.05 24.37
CA CYS A 81 -23.83 -23.95 25.28
C CYS A 81 -22.46 -23.35 25.08
N ASP A 82 -21.47 -24.17 24.72
CA ASP A 82 -20.08 -23.75 24.57
C ASP A 82 -19.74 -23.52 23.11
N PRO A 83 -19.05 -22.42 22.78
CA PRO A 83 -18.70 -22.15 21.40
C PRO A 83 -17.63 -23.11 20.88
N SER A 84 -17.62 -23.28 19.57
CA SER A 84 -16.57 -24.00 18.88
C SER A 84 -15.69 -23.00 18.14
N VAL A 85 -14.49 -23.45 17.79
CA VAL A 85 -13.62 -22.67 16.92
C VAL A 85 -13.94 -23.05 15.48
N THR A 86 -13.92 -22.04 14.60
CA THR A 86 -14.17 -22.28 13.18
C THR A 86 -12.87 -22.27 12.39
N ARG A 87 -11.96 -21.37 12.74
CA ARG A 87 -10.75 -21.15 11.96
C ARG A 87 -9.75 -20.40 12.83
N GLN A 88 -8.48 -20.61 12.53
CA GLN A 88 -7.39 -19.87 13.16
C GLN A 88 -6.82 -18.87 12.16
N ALA A 89 -6.06 -17.90 12.67
CA ALA A 89 -5.23 -17.03 11.86
C ALA A 89 -3.87 -16.91 12.51
N TYR A 90 -2.81 -17.04 11.72
CA TYR A 90 -1.48 -17.17 12.27
C TYR A 90 -0.57 -16.07 11.76
N ALA A 91 0.47 -15.80 12.54
CA ALA A 91 1.57 -14.94 12.11
C ALA A 91 2.78 -15.29 12.95
N ASP A 92 3.82 -15.84 12.32
CA ASP A 92 5.03 -16.22 13.05
C ASP A 92 6.25 -15.52 12.48
N VAL A 93 6.74 -14.52 13.19
CA VAL A 93 7.96 -13.82 12.85
C VAL A 93 9.15 -14.64 13.34
N THR A 94 10.25 -14.61 12.60
CA THR A 94 11.50 -15.16 13.09
C THR A 94 12.66 -14.28 12.64
N PHE A 95 13.45 -13.82 13.61
CA PHE A 95 14.61 -12.98 13.36
C PHE A 95 15.86 -13.82 13.43
N SER A 96 16.93 -13.36 12.81
CA SER A 96 18.20 -14.09 12.85
C SER A 96 19.34 -13.09 12.91
N PHE A 97 20.09 -13.11 14.00
CA PHE A 97 21.19 -12.19 14.20
C PHE A 97 22.42 -12.99 14.60
N THR A 98 23.57 -12.64 14.02
CA THR A 98 24.80 -13.34 14.38
C THR A 98 25.36 -12.80 15.69
N GLN A 99 26.44 -13.40 16.13
CA GLN A 99 26.99 -13.11 17.45
C GLN A 99 27.79 -11.81 17.51
N TYR A 100 28.13 -11.23 16.37
CA TYR A 100 28.86 -9.96 16.36
C TYR A 100 27.96 -8.79 15.99
N SER A 101 26.66 -9.01 15.87
CA SER A 101 25.75 -7.92 15.53
C SER A 101 25.57 -7.00 16.73
N THR A 102 25.54 -5.71 16.46
CA THR A 102 25.46 -4.74 17.54
C THR A 102 24.01 -4.50 17.93
N ASP A 103 23.80 -3.51 18.79
CA ASP A 103 22.48 -3.22 19.31
C ASP A 103 21.66 -2.40 18.31
N GLU A 104 22.31 -1.50 17.59
CA GLU A 104 21.59 -0.66 16.65
C GLU A 104 21.36 -1.33 15.31
N GLU A 105 21.97 -2.49 15.06
CA GLU A 105 21.63 -3.26 13.88
C GLU A 105 20.40 -4.11 14.13
N ARG A 106 20.27 -4.65 15.34
CA ARG A 106 19.11 -5.46 15.68
C ARG A 106 17.87 -4.61 15.91
N ALA A 107 18.03 -3.41 16.45
CA ALA A 107 16.91 -2.51 16.62
C ALA A 107 16.47 -1.88 15.31
N PHE A 108 17.34 -1.86 14.30
CA PHE A 108 16.96 -1.33 13.01
C PHE A 108 16.00 -2.29 12.31
N VAL A 109 16.21 -3.59 12.50
CA VAL A 109 15.34 -4.59 11.89
C VAL A 109 13.96 -4.58 12.55
N ARG A 110 13.93 -4.46 13.88
CA ARG A 110 12.67 -4.47 14.62
C ARG A 110 11.81 -3.27 14.27
N THR A 111 12.44 -2.11 14.11
CA THR A 111 11.68 -0.90 13.87
C THR A 111 11.33 -0.72 12.40
N GLU A 112 12.14 -1.27 11.49
CA GLU A 112 11.78 -1.29 10.08
C GLU A 112 10.55 -2.15 9.84
N LEU A 113 10.48 -3.32 10.48
CA LEU A 113 9.33 -4.19 10.34
C LEU A 113 8.09 -3.61 10.99
N ALA A 114 8.24 -2.88 12.10
CA ALA A 114 7.07 -2.25 12.71
C ALA A 114 6.55 -1.09 11.88
N ALA A 115 7.43 -0.40 11.16
CA ALA A 115 7.02 0.69 10.29
C ALA A 115 6.57 0.22 8.92
N LEU A 116 6.94 -1.00 8.53
CA LEU A 116 6.58 -1.50 7.22
C LEU A 116 5.17 -2.07 7.19
N LEU A 117 4.71 -2.64 8.30
CA LEU A 117 3.36 -3.20 8.39
C LEU A 117 2.26 -2.15 8.31
N ALA A 118 2.58 -0.87 8.43
CA ALA A 118 1.62 0.20 8.25
C ALA A 118 1.71 0.89 6.90
N SER A 119 2.37 0.29 5.94
CA SER A 119 2.57 0.90 4.63
C SER A 119 1.53 0.36 3.65
N PRO A 120 1.15 1.14 2.63
CA PRO A 120 0.13 0.67 1.68
C PRO A 120 0.56 -0.50 0.81
N LEU A 121 1.84 -0.88 0.83
CA LEU A 121 2.22 -2.13 0.21
C LEU A 121 1.74 -3.31 1.01
N LEU A 122 1.85 -3.24 2.34
CA LEU A 122 1.53 -4.36 3.20
C LEU A 122 0.17 -4.27 3.87
N ILE A 123 -0.47 -3.10 3.87
CA ILE A 123 -1.90 -3.06 4.14
C ILE A 123 -2.64 -3.88 3.10
N ASP A 124 -2.48 -3.49 1.84
CA ASP A 124 -3.22 -4.09 0.74
C ASP A 124 -2.81 -5.53 0.47
N ALA A 125 -1.62 -5.94 0.90
CA ALA A 125 -1.22 -7.34 0.74
C ALA A 125 -1.85 -8.23 1.80
N ILE A 126 -2.10 -7.69 2.99
CA ILE A 126 -2.52 -8.56 4.09
C ILE A 126 -4.03 -8.56 4.27
N ASP A 127 -4.66 -7.41 4.53
CA ASP A 127 -6.09 -7.48 4.80
C ASP A 127 -6.95 -7.54 3.54
N GLN A 128 -6.36 -7.33 2.37
CA GLN A 128 -7.09 -7.40 1.11
C GLN A 128 -6.67 -8.56 0.23
N LEU A 129 -5.51 -9.17 0.51
CA LEU A 129 -4.94 -10.31 -0.21
C LEU A 129 -4.67 -10.02 -1.68
N ASN A 130 -4.37 -8.77 -2.02
CA ASN A 130 -3.95 -8.47 -3.37
C ASN A 130 -2.43 -8.50 -3.46
N PRO A 131 -1.84 -9.12 -4.46
CA PRO A 131 -0.39 -9.03 -4.62
C PRO A 131 0.04 -7.67 -5.11
N ALA A 132 1.34 -7.43 -5.06
CA ALA A 132 1.92 -6.17 -5.47
C ALA A 132 2.30 -6.25 -6.94
N TYR A 133 1.72 -5.38 -7.76
CA TYR A 133 2.11 -5.29 -9.16
C TYR A 133 2.79 -3.96 -9.43
N ALA B 2 -1.07 -3.88 -3.77
CA ALA B 2 -1.13 -2.55 -4.35
C ALA B 2 -0.20 -2.45 -5.54
N LYS B 3 0.35 -1.27 -5.75
CA LYS B 3 1.28 -1.01 -6.84
C LYS B 3 2.63 -0.60 -6.28
N LEU B 4 3.71 -1.11 -6.88
CA LEU B 4 5.06 -0.85 -6.37
C LEU B 4 5.43 0.61 -6.60
N GLU B 5 5.62 1.34 -5.51
CA GLU B 5 6.22 2.66 -5.51
C GLU B 5 7.15 2.72 -4.31
N THR B 6 7.79 3.88 -4.11
CA THR B 6 8.79 4.02 -3.06
C THR B 6 8.12 4.02 -1.69
N VAL B 7 8.53 3.10 -0.83
CA VAL B 7 8.01 2.99 0.53
C VAL B 7 9.04 3.62 1.45
N THR B 8 8.90 4.92 1.72
CA THR B 8 9.84 5.65 2.56
C THR B 8 9.42 5.56 4.03
N LEU B 9 10.18 4.79 4.79
CA LEU B 9 9.84 4.48 6.18
C LEU B 9 10.58 5.43 7.10
N GLY B 10 9.86 6.04 8.05
CA GLY B 10 10.44 6.97 8.98
C GLY B 10 10.26 6.51 10.42
N ASN B 11 10.97 7.19 11.32
CA ASN B 11 11.07 6.87 12.74
C ASN B 11 11.54 5.43 12.96
N ILE B 12 12.74 5.17 12.47
CA ILE B 12 13.39 3.87 12.58
C ILE B 12 14.61 4.04 13.48
N GLY B 13 14.94 3.00 14.23
CA GLY B 13 16.13 3.01 15.05
C GLY B 13 15.82 2.89 16.52
N LYS B 14 16.87 2.62 17.29
CA LYS B 14 16.74 2.54 18.73
C LYS B 14 16.40 3.89 19.33
N ASP B 15 16.91 4.98 18.75
CA ASP B 15 16.50 6.31 19.17
C ASP B 15 15.19 6.74 18.50
N GLY B 16 15.04 6.46 17.22
CA GLY B 16 13.84 6.82 16.50
C GLY B 16 13.95 8.05 15.62
N LYS B 17 15.09 8.26 14.97
CA LYS B 17 15.30 9.44 14.13
C LYS B 17 15.74 9.08 12.72
N GLN B 18 15.92 7.80 12.42
CA GLN B 18 16.49 7.38 11.14
C GLN B 18 15.37 7.03 10.16
N THR B 19 15.62 7.26 8.88
CA THR B 19 14.69 6.92 7.82
C THR B 19 15.35 6.00 6.82
N LEU B 20 14.53 5.38 5.98
CA LEU B 20 14.99 4.44 4.96
C LEU B 20 14.03 4.48 3.79
N VAL B 21 14.55 4.71 2.59
CA VAL B 21 13.72 4.73 1.40
C VAL B 21 14.02 3.48 0.56
N LEU B 22 12.96 2.84 0.09
CA LEU B 22 13.07 1.58 -0.63
C LEU B 22 12.52 1.78 -2.04
N ASN B 23 13.37 1.62 -3.02
CA ASN B 23 13.02 1.84 -4.42
C ASN B 23 12.66 0.52 -5.07
N PRO B 24 11.58 0.46 -5.84
CA PRO B 24 11.07 -0.82 -6.31
C PRO B 24 11.91 -1.43 -7.41
N ARG B 25 12.00 -2.77 -7.40
CA ARG B 25 12.83 -3.51 -8.33
C ARG B 25 12.05 -4.60 -9.04
N GLY B 26 10.76 -4.37 -9.28
CA GLY B 26 9.97 -5.27 -10.11
C GLY B 26 9.51 -6.52 -9.41
N VAL B 27 8.66 -7.27 -10.11
CA VAL B 27 8.03 -8.49 -9.60
C VAL B 27 8.59 -9.67 -10.37
N ASN B 28 8.98 -10.72 -9.66
CA ASN B 28 9.50 -11.93 -10.29
C ASN B 28 8.34 -12.78 -10.76
N PRO B 29 8.21 -13.05 -12.06
CA PRO B 29 7.06 -13.83 -12.53
C PRO B 29 7.13 -15.30 -12.19
N THR B 30 8.33 -15.80 -11.89
CA THR B 30 8.53 -17.23 -11.65
C THR B 30 7.90 -17.67 -10.33
N ASN B 31 7.85 -16.79 -9.34
CA ASN B 31 7.23 -17.13 -8.07
C ASN B 31 6.33 -16.05 -7.49
N GLY B 32 6.16 -14.93 -8.16
CA GLY B 32 5.24 -13.90 -7.69
C GLY B 32 5.73 -13.14 -6.47
N VAL B 33 7.01 -12.81 -6.44
CA VAL B 33 7.64 -12.16 -5.30
C VAL B 33 7.98 -10.73 -5.69
N ALA B 34 7.31 -9.77 -5.07
CA ALA B 34 7.65 -8.38 -5.27
C ALA B 34 8.99 -8.07 -4.60
N SER B 35 9.60 -6.97 -5.01
CA SER B 35 10.94 -6.66 -4.52
C SER B 35 11.10 -5.15 -4.36
N LEU B 36 11.58 -4.75 -3.18
CA LEU B 36 12.02 -3.40 -2.92
C LEU B 36 13.48 -3.46 -2.53
N SER B 37 14.23 -2.40 -2.83
CA SER B 37 15.63 -2.36 -2.49
C SER B 37 16.06 -0.92 -2.26
N GLN B 38 17.26 -0.77 -1.73
CA GLN B 38 17.80 0.54 -1.39
C GLN B 38 18.45 1.12 -2.66
N ALA B 39 19.17 2.24 -2.53
CA ALA B 39 19.69 2.95 -3.68
C ALA B 39 21.20 2.81 -3.83
N GLY B 40 21.74 1.66 -3.45
CA GLY B 40 23.16 1.43 -3.62
C GLY B 40 23.51 1.12 -5.07
N ALA B 41 24.81 1.17 -5.37
CA ALA B 41 25.27 0.80 -6.70
C ALA B 41 25.62 -0.68 -6.75
N VAL B 42 26.46 -1.13 -5.82
CA VAL B 42 26.82 -2.55 -5.70
C VAL B 42 25.61 -3.33 -5.18
N PRO B 43 25.20 -4.41 -5.85
CA PRO B 43 24.00 -5.14 -5.43
C PRO B 43 24.14 -5.94 -4.15
N ALA B 44 25.35 -6.18 -3.65
CA ALA B 44 25.50 -6.96 -2.42
C ALA B 44 25.49 -6.11 -1.17
N LEU B 45 25.41 -4.78 -1.30
CA LEU B 45 25.41 -3.88 -0.17
C LEU B 45 24.05 -3.22 0.05
N GLU B 46 23.01 -3.76 -0.57
CA GLU B 46 21.68 -3.18 -0.52
C GLU B 46 20.85 -3.80 0.58
N LYS B 47 19.98 -2.99 1.19
CA LYS B 47 18.97 -3.48 2.11
C LYS B 47 17.70 -3.72 1.31
N ARG B 48 17.28 -4.97 1.19
CA ARG B 48 16.14 -5.30 0.35
C ARG B 48 15.03 -5.96 1.14
N VAL B 49 13.80 -5.75 0.67
CA VAL B 49 12.57 -6.26 1.25
C VAL B 49 11.81 -6.99 0.15
N THR B 50 11.35 -8.20 0.41
CA THR B 50 10.50 -8.93 -0.51
C THR B 50 9.16 -9.22 0.16
N VAL B 51 8.12 -9.41 -0.65
CA VAL B 51 6.76 -9.63 -0.14
C VAL B 51 5.97 -10.39 -1.19
N SER B 52 5.24 -11.42 -0.77
CA SER B 52 4.51 -12.25 -1.71
C SER B 52 3.32 -12.90 -1.01
N VAL B 53 2.17 -12.90 -1.69
CA VAL B 53 0.98 -13.57 -1.19
C VAL B 53 0.57 -14.65 -2.18
N SER B 54 0.38 -15.87 -1.67
CA SER B 54 0.17 -17.05 -2.48
C SER B 54 -1.27 -17.50 -2.38
N GLN B 55 -1.90 -17.75 -3.53
CA GLN B 55 -3.25 -18.25 -3.56
C GLN B 55 -3.30 -19.70 -3.08
N PRO B 56 -4.43 -20.14 -2.53
CA PRO B 56 -4.54 -21.55 -2.12
C PRO B 56 -4.65 -22.46 -3.34
N SER B 57 -3.69 -23.37 -3.45
CA SER B 57 -3.66 -24.34 -4.53
C SER B 57 -4.40 -25.60 -4.09
N ARG B 58 -4.24 -26.69 -4.83
CA ARG B 58 -4.85 -27.96 -4.49
C ARG B 58 -4.09 -28.74 -3.41
N ASN B 59 -3.14 -28.11 -2.73
CA ASN B 59 -2.35 -28.76 -1.70
C ASN B 59 -2.36 -28.00 -0.37
N ARG B 60 -2.34 -26.67 -0.41
CA ARG B 60 -2.06 -25.90 0.79
C ARG B 60 -3.31 -25.35 1.47
N LYS B 61 -4.31 -24.96 0.68
CA LYS B 61 -5.68 -24.62 1.07
C LYS B 61 -5.79 -23.29 1.84
N ASN B 62 -4.66 -22.65 2.14
CA ASN B 62 -4.67 -21.39 2.87
C ASN B 62 -3.93 -20.30 2.11
N TYR B 63 -4.42 -19.08 2.26
CA TYR B 63 -3.68 -17.91 1.79
C TYR B 63 -2.47 -17.69 2.67
N LYS B 64 -1.40 -17.15 2.09
CA LYS B 64 -0.15 -17.06 2.83
C LYS B 64 0.62 -15.81 2.39
N VAL B 65 0.54 -14.76 3.18
CA VAL B 65 1.37 -13.58 2.97
C VAL B 65 2.72 -13.82 3.61
N GLN B 66 3.79 -13.41 2.95
CA GLN B 66 5.14 -13.72 3.42
C GLN B 66 6.08 -12.57 3.09
N VAL B 67 6.66 -11.97 4.14
CA VAL B 67 7.50 -10.78 4.01
C VAL B 67 8.89 -11.10 4.54
N LYS B 68 9.92 -10.76 3.77
CA LYS B 68 11.30 -10.98 4.17
C LYS B 68 12.09 -9.68 4.12
N ILE B 69 13.09 -9.59 5.00
CA ILE B 69 13.91 -8.39 5.19
C ILE B 69 15.34 -8.83 5.35
N GLN B 70 16.24 -8.27 4.55
CA GLN B 70 17.66 -8.63 4.58
C GLN B 70 18.49 -7.37 4.70
N ASN B 71 19.27 -7.26 5.78
CA ASN B 71 20.12 -6.10 6.01
C ASN B 71 21.56 -6.52 6.15
N PRO B 72 22.42 -6.26 5.19
CA PRO B 72 23.85 -6.55 5.36
C PRO B 72 24.60 -5.36 5.91
N THR B 73 25.72 -5.65 6.56
CA THR B 73 26.65 -4.61 6.98
C THR B 73 27.98 -4.84 6.31
N ALA B 74 28.73 -3.76 6.12
CA ALA B 74 29.93 -3.78 5.31
C ALA B 74 31.12 -3.17 6.05
N CYS B 75 32.30 -3.74 5.81
CA CYS B 75 33.55 -3.17 6.30
C CYS B 75 34.70 -3.73 5.47
N THR B 76 35.71 -2.89 5.29
CA THR B 76 36.92 -3.24 4.56
C THR B 76 38.00 -3.72 5.53
N ALA B 77 38.84 -4.64 5.06
CA ALA B 77 39.85 -5.27 5.89
C ALA B 77 41.24 -4.79 5.48
N ASN B 78 42.25 -5.36 6.13
CA ASN B 78 43.63 -5.00 5.85
C ASN B 78 44.07 -5.55 4.49
N GLY B 79 44.70 -4.72 3.68
CA GLY B 79 45.12 -5.15 2.36
C GLY B 79 44.01 -5.28 1.35
N SER B 80 42.84 -4.72 1.63
CA SER B 80 41.68 -4.80 0.76
C SER B 80 41.15 -3.39 0.49
N CYS B 81 40.64 -3.16 -0.72
CA CYS B 81 40.20 -1.83 -1.13
C CYS B 81 38.69 -1.67 -1.02
N ASP B 82 37.96 -2.50 -1.70
CA ASP B 82 36.51 -2.34 -1.72
C ASP B 82 35.88 -3.02 -0.50
N PRO B 83 34.77 -2.48 0.01
CA PRO B 83 34.12 -3.11 1.16
C PRO B 83 33.42 -4.40 0.78
N SER B 84 33.55 -5.39 1.65
CA SER B 84 32.90 -6.68 1.49
C SER B 84 31.72 -6.75 2.45
N VAL B 85 31.08 -7.92 2.50
CA VAL B 85 29.89 -8.12 3.33
C VAL B 85 30.22 -9.13 4.41
N THR B 86 30.03 -8.73 5.66
CA THR B 86 30.41 -9.56 6.81
C THR B 86 29.23 -10.16 7.56
N ARG B 87 28.12 -9.45 7.71
CA ARG B 87 27.01 -9.95 8.50
C ARG B 87 25.70 -9.81 7.73
N GLN B 88 24.71 -10.57 8.17
CA GLN B 88 23.39 -10.59 7.57
C GLN B 88 22.37 -10.65 8.70
N ALA B 89 21.48 -9.68 8.77
CA ALA B 89 20.44 -9.66 9.80
C ALA B 89 19.10 -9.85 9.12
N TYR B 90 18.58 -11.07 9.15
CA TYR B 90 17.38 -11.42 8.41
C TYR B 90 16.12 -11.12 9.23
N ALA B 91 14.97 -11.31 8.59
CA ALA B 91 13.65 -11.27 9.20
C ALA B 91 12.70 -11.99 8.26
N ASP B 92 11.70 -12.65 8.82
CA ASP B 92 10.87 -13.57 8.05
C ASP B 92 9.50 -13.70 8.71
N VAL B 93 8.51 -13.00 8.16
CA VAL B 93 7.16 -12.99 8.70
C VAL B 93 6.25 -13.73 7.74
N THR B 94 5.54 -14.73 8.24
CA THR B 94 4.56 -15.46 7.43
C THR B 94 3.20 -15.36 8.06
N PHE B 95 2.23 -14.89 7.29
CA PHE B 95 0.84 -14.84 7.69
C PHE B 95 0.10 -16.03 7.08
N SER B 96 -1.01 -16.41 7.70
CA SER B 96 -1.78 -17.54 7.20
C SER B 96 -3.24 -17.36 7.58
N PHE B 97 -4.11 -17.37 6.56
CA PHE B 97 -5.54 -17.18 6.76
C PHE B 97 -6.28 -18.21 5.93
N THR B 98 -7.57 -18.38 6.22
CA THR B 98 -8.38 -19.35 5.53
C THR B 98 -9.28 -18.65 4.51
N GLN B 99 -10.14 -19.40 3.85
CA GLN B 99 -11.01 -18.85 2.82
C GLN B 99 -12.17 -18.03 3.39
N TYR B 100 -12.56 -18.27 4.63
CA TYR B 100 -13.75 -17.64 5.18
C TYR B 100 -13.44 -16.52 6.15
N SER B 101 -12.18 -16.13 6.27
CA SER B 101 -11.83 -15.04 7.16
C SER B 101 -12.21 -13.71 6.56
N THR B 102 -12.88 -12.87 7.34
CA THR B 102 -13.19 -11.53 6.90
C THR B 102 -11.95 -10.65 6.99
N ASP B 103 -12.05 -9.44 6.44
CA ASP B 103 -10.90 -8.55 6.39
C ASP B 103 -10.58 -7.89 7.73
N GLU B 104 -11.53 -7.85 8.65
CA GLU B 104 -11.23 -7.30 9.97
C GLU B 104 -10.41 -8.26 10.81
N GLU B 105 -10.57 -9.56 10.56
CA GLU B 105 -9.70 -10.54 11.20
C GLU B 105 -8.29 -10.46 10.66
N ARG B 106 -8.13 -10.11 9.39
CA ARG B 106 -6.81 -10.00 8.79
C ARG B 106 -6.14 -8.69 9.16
N ALA B 107 -6.92 -7.65 9.43
CA ALA B 107 -6.35 -6.38 9.85
C ALA B 107 -6.10 -6.32 11.35
N PHE B 108 -6.68 -7.24 12.10
CA PHE B 108 -6.36 -7.30 13.52
C PHE B 108 -4.97 -7.88 13.72
N VAL B 109 -4.62 -8.92 12.96
CA VAL B 109 -3.31 -9.58 13.07
C VAL B 109 -2.20 -8.66 12.58
N ARG B 110 -2.46 -7.85 11.55
CA ARG B 110 -1.47 -6.91 11.06
C ARG B 110 -1.17 -5.82 12.08
N THR B 111 -2.20 -5.26 12.71
CA THR B 111 -1.97 -4.20 13.67
C THR B 111 -1.60 -4.72 15.05
N GLU B 112 -1.84 -6.00 15.33
CA GLU B 112 -1.34 -6.59 16.57
C GLU B 112 0.16 -6.79 16.51
N LEU B 113 0.66 -7.25 15.36
CA LEU B 113 2.07 -7.49 15.22
C LEU B 113 2.86 -6.18 15.15
N ALA B 114 2.26 -5.13 14.60
CA ALA B 114 2.92 -3.83 14.62
C ALA B 114 2.94 -3.22 16.02
N ALA B 115 2.07 -3.66 16.92
CA ALA B 115 2.05 -3.14 18.28
C ALA B 115 2.86 -3.99 19.25
N LEU B 116 3.08 -5.26 18.94
CA LEU B 116 3.96 -6.07 19.78
C LEU B 116 5.42 -5.69 19.60
N LEU B 117 5.81 -5.27 18.41
CA LEU B 117 7.20 -4.96 18.13
C LEU B 117 7.67 -3.67 18.80
N ALA B 118 6.77 -2.88 19.38
CA ALA B 118 7.13 -1.63 20.04
C ALA B 118 6.81 -1.65 21.53
N SER B 119 6.64 -2.83 22.11
CA SER B 119 6.30 -3.12 23.50
C SER B 119 7.56 -3.50 24.27
N PRO B 120 7.66 -3.17 25.57
CA PRO B 120 8.92 -3.42 26.29
C PRO B 120 9.26 -4.87 26.53
N LEU B 121 8.35 -5.80 26.22
CA LEU B 121 8.70 -7.21 26.29
C LEU B 121 9.45 -7.65 25.05
N LEU B 122 9.15 -7.06 23.89
CA LEU B 122 9.79 -7.45 22.64
C LEU B 122 10.96 -6.56 22.25
N ILE B 123 11.05 -5.34 22.76
CA ILE B 123 12.24 -4.53 22.48
C ILE B 123 13.38 -4.89 23.40
N ASP B 124 13.17 -5.81 24.33
CA ASP B 124 14.22 -6.33 25.19
C ASP B 124 14.71 -7.69 24.74
N ALA B 125 13.87 -8.48 24.09
CA ALA B 125 14.30 -9.77 23.56
C ALA B 125 14.99 -9.66 22.21
N ILE B 126 14.85 -8.54 21.52
CA ILE B 126 15.43 -8.35 20.20
C ILE B 126 16.62 -7.38 20.25
N ASP B 127 16.51 -6.31 21.02
CA ASP B 127 17.63 -5.40 21.11
C ASP B 127 18.71 -5.95 22.03
N GLN B 128 18.31 -6.54 23.15
CA GLN B 128 19.26 -6.97 24.17
C GLN B 128 19.49 -8.47 24.19
N LEU B 129 18.63 -9.24 23.51
CA LEU B 129 18.69 -10.71 23.44
C LEU B 129 18.57 -11.36 24.81
N ASN B 130 17.45 -11.07 25.46
CA ASN B 130 17.11 -11.62 26.75
C ASN B 130 15.80 -12.37 26.64
N PRO B 131 15.75 -13.66 26.97
CA PRO B 131 14.46 -14.36 27.01
C PRO B 131 13.56 -13.79 28.10
N ALA B 132 12.27 -13.89 27.86
CA ALA B 132 11.28 -13.30 28.76
C ALA B 132 11.22 -14.14 30.03
N TYR B 133 11.91 -13.69 31.07
CA TYR B 133 11.95 -14.40 32.33
C TYR B 133 11.69 -13.43 33.48
N ALA C 2 -1.27 -6.97 -21.57
CA ALA C 2 -0.19 -6.12 -21.10
C ALA C 2 0.17 -6.49 -19.66
N LYS C 3 0.66 -5.52 -18.90
CA LYS C 3 0.79 -5.71 -17.48
C LYS C 3 -0.58 -5.62 -16.84
N LEU C 4 -0.83 -6.48 -15.85
CA LEU C 4 -2.10 -6.46 -15.13
C LEU C 4 -2.25 -5.16 -14.36
N GLU C 5 -3.44 -4.57 -14.45
CA GLU C 5 -3.82 -3.39 -13.69
C GLU C 5 -5.23 -3.60 -13.18
N THR C 6 -5.74 -2.63 -12.43
CA THR C 6 -7.11 -2.72 -11.95
C THR C 6 -8.06 -2.36 -13.07
N VAL C 7 -9.03 -3.24 -13.32
CA VAL C 7 -9.97 -3.09 -14.43
C VAL C 7 -11.31 -2.69 -13.85
N THR C 8 -11.84 -1.56 -14.27
CA THR C 8 -13.16 -1.11 -13.84
C THR C 8 -14.12 -1.28 -15.01
N LEU C 9 -14.99 -2.27 -14.92
CA LEU C 9 -16.01 -2.51 -15.92
C LEU C 9 -17.24 -1.69 -15.55
N GLY C 10 -17.69 -0.83 -16.46
CA GLY C 10 -18.75 0.10 -16.18
C GLY C 10 -19.97 -0.16 -17.04
N ASN C 11 -21.15 0.20 -16.51
CA ASN C 11 -22.45 0.01 -17.16
C ASN C 11 -22.70 -1.46 -17.50
N ILE C 12 -22.24 -2.34 -16.64
CA ILE C 12 -22.46 -3.76 -16.77
C ILE C 12 -23.71 -4.08 -15.97
N GLY C 13 -24.33 -5.22 -16.26
CA GLY C 13 -25.52 -5.65 -15.55
C GLY C 13 -26.70 -5.79 -16.50
N LYS C 14 -27.85 -6.11 -15.90
CA LYS C 14 -29.06 -6.22 -16.72
C LYS C 14 -29.59 -4.85 -17.12
N ASP C 15 -29.81 -3.98 -16.15
CA ASP C 15 -30.21 -2.61 -16.45
C ASP C 15 -29.09 -1.78 -17.03
N GLY C 16 -27.84 -2.17 -16.82
CA GLY C 16 -26.71 -1.43 -17.35
C GLY C 16 -26.25 -0.28 -16.50
N LYS C 17 -26.39 -0.38 -15.18
CA LYS C 17 -25.98 0.68 -14.26
C LYS C 17 -25.27 0.09 -13.05
N GLN C 18 -24.39 -0.89 -13.28
CA GLN C 18 -23.61 -1.48 -12.20
C GLN C 18 -22.15 -1.55 -12.62
N THR C 19 -21.27 -1.68 -11.63
CA THR C 19 -19.84 -1.72 -11.86
C THR C 19 -19.27 -3.04 -11.40
N LEU C 20 -18.01 -3.28 -11.75
CA LEU C 20 -17.29 -4.46 -11.30
C LEU C 20 -15.81 -4.11 -11.29
N VAL C 21 -15.24 -3.89 -10.11
CA VAL C 21 -13.85 -3.48 -9.98
C VAL C 21 -13.02 -4.72 -9.67
N LEU C 22 -12.11 -5.06 -10.58
CA LEU C 22 -11.30 -6.26 -10.50
C LEU C 22 -9.86 -5.88 -10.18
N ASN C 23 -9.30 -6.50 -9.16
CA ASN C 23 -7.89 -6.27 -8.87
C ASN C 23 -7.06 -7.43 -9.38
N PRO C 24 -5.78 -7.22 -9.72
CA PRO C 24 -4.97 -8.34 -10.18
C PRO C 24 -4.58 -9.29 -9.06
N ARG C 25 -4.36 -10.55 -9.44
CA ARG C 25 -4.04 -11.59 -8.47
C ARG C 25 -2.92 -12.51 -8.95
N GLY C 26 -1.97 -11.98 -9.71
CA GLY C 26 -0.75 -12.71 -10.01
C GLY C 26 -0.92 -13.78 -11.09
N VAL C 27 0.21 -14.14 -11.67
CA VAL C 27 0.26 -15.14 -12.74
C VAL C 27 0.58 -16.49 -12.13
N ASN C 28 -0.18 -17.50 -12.51
CA ASN C 28 0.11 -18.88 -12.13
C ASN C 28 1.35 -19.33 -12.90
N PRO C 29 2.44 -19.70 -12.22
CA PRO C 29 3.70 -19.92 -12.94
C PRO C 29 3.77 -21.21 -13.73
N THR C 30 2.88 -22.16 -13.48
CA THR C 30 2.97 -23.45 -14.16
C THR C 30 2.32 -23.42 -15.53
N ASN C 31 1.11 -22.87 -15.63
CA ASN C 31 0.38 -22.83 -16.88
C ASN C 31 0.24 -21.44 -17.48
N GLY C 32 0.57 -20.39 -16.74
CA GLY C 32 0.56 -19.05 -17.29
C GLY C 32 -0.76 -18.32 -17.19
N VAL C 33 -1.72 -18.85 -16.44
CA VAL C 33 -3.04 -18.25 -16.34
C VAL C 33 -3.00 -17.08 -15.38
N ALA C 34 -3.43 -15.91 -15.86
CA ALA C 34 -3.37 -14.69 -15.07
C ALA C 34 -4.74 -14.37 -14.51
N SER C 35 -4.81 -14.15 -13.21
CA SER C 35 -6.08 -14.05 -12.50
C SER C 35 -6.44 -12.61 -12.21
N LEU C 36 -7.75 -12.34 -12.16
CA LEU C 36 -8.29 -11.10 -11.65
C LEU C 36 -9.40 -11.46 -10.68
N SER C 37 -9.60 -10.61 -9.68
CA SER C 37 -10.62 -10.89 -8.68
C SER C 37 -11.17 -9.60 -8.12
N GLN C 38 -12.41 -9.65 -7.65
CA GLN C 38 -13.08 -8.49 -7.10
C GLN C 38 -12.77 -8.36 -5.61
N ALA C 39 -12.60 -7.12 -5.17
CA ALA C 39 -12.34 -6.84 -3.76
C ALA C 39 -13.64 -7.03 -2.99
N GLY C 40 -13.92 -8.28 -2.61
CA GLY C 40 -15.02 -8.58 -1.74
C GLY C 40 -14.54 -9.41 -0.57
N ALA C 41 -15.06 -9.15 0.62
CA ALA C 41 -14.63 -9.90 1.80
C ALA C 41 -15.17 -11.33 1.73
N VAL C 42 -14.63 -12.19 2.61
CA VAL C 42 -14.80 -13.64 2.59
C VAL C 42 -14.37 -14.15 1.21
N PRO C 43 -13.06 -14.34 0.98
CA PRO C 43 -12.57 -14.68 -0.37
C PRO C 43 -13.05 -16.01 -0.95
N ALA C 44 -13.88 -16.78 -0.26
CA ALA C 44 -14.51 -17.92 -0.89
C ALA C 44 -15.55 -17.48 -1.91
N LEU C 45 -16.11 -16.29 -1.74
CA LEU C 45 -17.14 -15.77 -2.63
C LEU C 45 -16.67 -14.44 -3.20
N GLU C 46 -16.05 -14.50 -4.37
CA GLU C 46 -15.63 -13.31 -5.09
C GLU C 46 -15.91 -13.52 -6.57
N LYS C 47 -16.17 -12.42 -7.27
CA LYS C 47 -16.20 -12.44 -8.72
C LYS C 47 -14.78 -12.66 -9.24
N ARG C 48 -14.57 -13.70 -10.04
CA ARG C 48 -13.24 -14.09 -10.47
C ARG C 48 -13.17 -14.21 -11.99
N VAL C 49 -12.15 -13.60 -12.59
CA VAL C 49 -11.93 -13.60 -14.03
C VAL C 49 -10.48 -14.01 -14.28
N THR C 50 -10.27 -15.01 -15.12
CA THR C 50 -8.92 -15.40 -15.51
C THR C 50 -8.76 -15.29 -17.02
N VAL C 51 -7.51 -15.08 -17.46
CA VAL C 51 -7.18 -14.96 -18.87
C VAL C 51 -5.92 -15.77 -19.15
N SER C 52 -5.88 -16.48 -20.28
CA SER C 52 -4.80 -17.38 -20.60
C SER C 52 -4.47 -17.30 -22.08
N VAL C 53 -3.23 -16.94 -22.40
CA VAL C 53 -2.77 -16.83 -23.77
C VAL C 53 -1.56 -17.73 -23.94
N SER C 54 -1.52 -18.48 -25.06
CA SER C 54 -0.36 -19.28 -25.38
C SER C 54 0.85 -18.40 -25.67
N GLN C 55 2.02 -18.89 -25.28
CA GLN C 55 3.22 -18.09 -25.35
C GLN C 55 3.73 -18.01 -26.79
N PRO C 56 4.27 -16.87 -27.20
CA PRO C 56 4.82 -16.76 -28.56
C PRO C 56 6.11 -17.54 -28.72
N SER C 57 6.03 -18.66 -29.42
CA SER C 57 7.20 -19.46 -29.76
C SER C 57 7.40 -19.39 -31.27
N ARG C 58 8.57 -19.86 -31.70
CA ARG C 58 8.90 -19.83 -33.12
C ARG C 58 8.16 -20.93 -33.87
N ASN C 59 8.05 -22.11 -33.27
CA ASN C 59 7.45 -23.27 -33.92
C ASN C 59 6.07 -23.61 -33.36
N ARG C 60 5.28 -22.58 -33.02
CA ARG C 60 3.91 -22.77 -32.56
C ARG C 60 2.95 -22.61 -33.73
N LYS C 61 2.03 -23.58 -33.87
CA LYS C 61 1.12 -23.58 -35.01
C LYS C 61 -0.21 -22.91 -34.72
N ASN C 62 -0.69 -22.95 -33.48
CA ASN C 62 -2.01 -22.44 -33.14
C ASN C 62 -1.94 -21.62 -31.87
N TYR C 63 -2.38 -20.38 -31.94
CA TYR C 63 -2.50 -19.49 -30.80
C TYR C 63 -3.90 -19.56 -30.24
N LYS C 64 -4.02 -19.54 -28.92
CA LYS C 64 -5.28 -19.88 -28.27
C LYS C 64 -5.46 -19.02 -27.04
N VAL C 65 -6.50 -18.19 -27.05
CA VAL C 65 -6.85 -17.32 -25.94
C VAL C 65 -8.01 -17.95 -25.18
N GLN C 66 -7.97 -17.92 -23.85
CA GLN C 66 -9.05 -18.50 -23.07
C GLN C 66 -9.40 -17.60 -21.89
N VAL C 67 -10.69 -17.27 -21.78
CA VAL C 67 -11.20 -16.39 -20.74
C VAL C 67 -12.25 -17.18 -19.95
N LYS C 68 -12.18 -17.10 -18.63
CA LYS C 68 -13.16 -17.74 -17.76
C LYS C 68 -13.71 -16.74 -16.76
N ILE C 69 -15.01 -16.83 -16.50
CA ILE C 69 -15.71 -16.02 -15.51
C ILE C 69 -16.50 -16.97 -14.63
N GLN C 70 -16.44 -16.79 -13.31
CA GLN C 70 -17.34 -17.51 -12.42
C GLN C 70 -17.80 -16.60 -11.30
N ASN C 71 -19.10 -16.62 -11.00
CA ASN C 71 -19.69 -15.73 -10.01
C ASN C 71 -20.48 -16.57 -9.01
N PRO C 72 -20.10 -16.60 -7.74
CA PRO C 72 -20.89 -17.32 -6.74
C PRO C 72 -21.96 -16.45 -6.13
N THR C 73 -22.95 -17.12 -5.53
CA THR C 73 -24.00 -16.48 -4.77
C THR C 73 -23.97 -17.00 -3.34
N ALA C 74 -24.06 -16.08 -2.38
CA ALA C 74 -23.91 -16.41 -0.97
C ALA C 74 -25.26 -16.79 -0.37
N CYS C 75 -25.19 -17.59 0.68
CA CYS C 75 -26.39 -18.05 1.39
C CYS C 75 -26.05 -18.15 2.87
N THR C 76 -26.55 -17.23 3.68
CA THR C 76 -26.37 -17.30 5.11
C THR C 76 -27.30 -18.36 5.69
N ALA C 77 -26.85 -19.61 5.71
CA ALA C 77 -27.66 -20.71 6.22
C ALA C 77 -27.78 -20.62 7.74
N ASN C 78 -28.92 -21.07 8.24
CA ASN C 78 -29.18 -21.03 9.67
C ASN C 78 -28.38 -22.11 10.39
N GLY C 79 -27.77 -21.74 11.52
CA GLY C 79 -26.92 -22.63 12.25
C GLY C 79 -25.46 -22.57 11.88
N SER C 80 -25.06 -21.62 11.04
CA SER C 80 -23.66 -21.50 10.64
C SER C 80 -23.28 -20.03 10.62
N CYS C 81 -22.06 -19.74 11.07
CA CYS C 81 -21.57 -18.38 11.10
C CYS C 81 -20.98 -17.94 9.77
N ASP C 82 -20.81 -18.86 8.84
CA ASP C 82 -20.17 -18.61 7.56
C ASP C 82 -21.19 -18.69 6.44
N PRO C 83 -21.20 -17.76 5.50
CA PRO C 83 -22.00 -17.95 4.30
C PRO C 83 -21.40 -19.05 3.44
N SER C 84 -22.27 -19.72 2.70
CA SER C 84 -21.85 -20.79 1.81
C SER C 84 -22.21 -20.42 0.38
N VAL C 85 -21.76 -21.25 -0.55
CA VAL C 85 -21.99 -21.01 -1.97
C VAL C 85 -23.12 -21.95 -2.42
N THR C 86 -24.27 -21.36 -2.75
CA THR C 86 -25.38 -22.16 -3.28
C THR C 86 -25.03 -22.68 -4.67
N ARG C 87 -24.56 -21.80 -5.54
CA ARG C 87 -24.42 -22.13 -6.95
C ARG C 87 -23.40 -21.17 -7.57
N GLN C 88 -22.96 -21.52 -8.77
CA GLN C 88 -22.03 -20.74 -9.56
C GLN C 88 -22.73 -20.23 -10.81
N ALA C 89 -22.01 -19.42 -11.58
CA ALA C 89 -22.48 -18.93 -12.86
C ALA C 89 -21.26 -18.77 -13.76
N TYR C 90 -21.06 -19.71 -14.67
CA TYR C 90 -19.82 -19.81 -15.39
C TYR C 90 -19.90 -19.11 -16.75
N ALA C 91 -18.73 -18.92 -17.35
CA ALA C 91 -18.59 -18.40 -18.70
C ALA C 91 -17.23 -18.84 -19.19
N ASP C 92 -17.16 -19.33 -20.42
CA ASP C 92 -15.93 -19.94 -20.93
C ASP C 92 -15.76 -19.52 -22.38
N VAL C 93 -14.91 -18.53 -22.62
CA VAL C 93 -14.64 -18.01 -23.96
C VAL C 93 -13.28 -18.53 -24.39
N THR C 94 -13.23 -19.21 -25.54
CA THR C 94 -11.97 -19.75 -26.05
C THR C 94 -11.80 -19.41 -27.53
N PHE C 95 -10.78 -18.62 -27.84
CA PHE C 95 -10.43 -18.29 -29.21
C PHE C 95 -9.38 -19.27 -29.73
N SER C 96 -9.11 -19.18 -31.03
CA SER C 96 -8.24 -20.12 -31.70
C SER C 96 -7.81 -19.50 -33.02
N PHE C 97 -6.51 -19.27 -33.20
CA PHE C 97 -6.01 -18.66 -34.42
C PHE C 97 -4.83 -19.47 -34.94
N THR C 98 -4.42 -19.18 -36.17
CA THR C 98 -3.22 -19.78 -36.74
C THR C 98 -2.11 -18.75 -36.80
N GLN C 99 -0.90 -19.24 -37.08
CA GLN C 99 0.28 -18.38 -37.05
C GLN C 99 0.40 -17.46 -38.26
N TYR C 100 -0.45 -17.61 -39.27
CA TYR C 100 -0.48 -16.68 -40.39
C TYR C 100 -1.67 -15.74 -40.34
N SER C 101 -2.42 -15.74 -39.25
CA SER C 101 -3.53 -14.81 -39.08
C SER C 101 -3.02 -13.41 -38.79
N THR C 102 -3.80 -12.41 -39.21
CA THR C 102 -3.40 -11.03 -39.07
C THR C 102 -4.19 -10.37 -37.96
N ASP C 103 -3.87 -9.10 -37.71
CA ASP C 103 -4.43 -8.38 -36.58
C ASP C 103 -5.90 -8.07 -36.79
N GLU C 104 -6.29 -7.75 -38.02
CA GLU C 104 -7.68 -7.40 -38.30
C GLU C 104 -8.57 -8.62 -38.37
N GLU C 105 -8.02 -9.80 -38.65
CA GLU C 105 -8.83 -11.01 -38.61
C GLU C 105 -9.11 -11.43 -37.19
N ARG C 106 -8.20 -11.14 -36.27
CA ARG C 106 -8.41 -11.43 -34.86
C ARG C 106 -9.31 -10.40 -34.21
N ALA C 107 -9.14 -9.13 -34.58
CA ALA C 107 -9.97 -8.07 -34.01
C ALA C 107 -11.39 -8.09 -34.54
N PHE C 108 -11.62 -8.74 -35.67
CA PHE C 108 -12.99 -8.84 -36.18
C PHE C 108 -13.79 -9.86 -35.40
N VAL C 109 -13.15 -10.97 -34.99
CA VAL C 109 -13.84 -12.00 -34.22
C VAL C 109 -14.17 -11.50 -32.82
N ARG C 110 -13.28 -10.71 -32.23
CA ARG C 110 -13.49 -10.18 -30.89
C ARG C 110 -14.63 -9.17 -30.86
N THR C 111 -14.67 -8.25 -31.81
CA THR C 111 -15.74 -7.27 -31.85
C THR C 111 -17.04 -7.84 -32.39
N GLU C 112 -17.00 -9.00 -33.03
CA GLU C 112 -18.24 -9.66 -33.43
C GLU C 112 -18.89 -10.34 -32.25
N LEU C 113 -18.11 -11.09 -31.47
CA LEU C 113 -18.61 -11.75 -30.27
C LEU C 113 -19.08 -10.73 -29.24
N ALA C 114 -18.40 -9.58 -29.16
CA ALA C 114 -18.81 -8.52 -28.25
C ALA C 114 -20.03 -7.76 -28.73
N ALA C 115 -20.41 -7.91 -29.99
CA ALA C 115 -21.60 -7.28 -30.51
C ALA C 115 -22.76 -8.25 -30.68
N LEU C 116 -22.50 -9.56 -30.64
CA LEU C 116 -23.57 -10.53 -30.56
C LEU C 116 -24.18 -10.57 -29.17
N LEU C 117 -23.37 -10.33 -28.16
CA LEU C 117 -23.83 -10.38 -26.78
C LEU C 117 -24.65 -9.15 -26.39
N ALA C 118 -24.66 -8.12 -27.22
CA ALA C 118 -25.58 -7.00 -27.07
C ALA C 118 -26.74 -7.06 -28.04
N SER C 119 -26.74 -8.03 -28.95
CA SER C 119 -27.81 -8.22 -29.91
C SER C 119 -29.00 -8.89 -29.24
N PRO C 120 -30.22 -8.64 -29.72
CA PRO C 120 -31.40 -9.22 -29.06
C PRO C 120 -31.59 -10.72 -29.30
N LEU C 121 -30.78 -11.35 -30.15
CA LEU C 121 -30.78 -12.80 -30.22
C LEU C 121 -30.20 -13.41 -28.95
N LEU C 122 -29.11 -12.85 -28.43
CA LEU C 122 -28.41 -13.45 -27.31
C LEU C 122 -28.66 -12.76 -25.98
N ILE C 123 -29.33 -11.61 -25.94
CA ILE C 123 -29.88 -11.15 -24.67
C ILE C 123 -31.20 -11.85 -24.37
N ASP C 124 -31.68 -12.69 -25.29
CA ASP C 124 -32.87 -13.49 -25.10
C ASP C 124 -32.57 -14.98 -25.04
N ALA C 125 -31.41 -15.41 -25.52
CA ALA C 125 -31.00 -16.80 -25.43
C ALA C 125 -30.28 -17.13 -24.14
N ILE C 126 -29.92 -16.12 -23.35
CA ILE C 126 -29.18 -16.31 -22.12
C ILE C 126 -29.97 -15.77 -20.92
N ASP C 127 -30.51 -14.56 -21.04
CA ASP C 127 -31.24 -13.96 -19.93
C ASP C 127 -32.58 -14.65 -19.68
N GLN C 128 -33.29 -15.01 -20.75
CA GLN C 128 -34.60 -15.64 -20.61
C GLN C 128 -34.57 -17.13 -20.92
N LEU C 129 -33.44 -17.64 -21.40
CA LEU C 129 -33.22 -19.06 -21.75
C LEU C 129 -34.17 -19.52 -22.86
N ASN C 130 -34.38 -18.68 -23.86
CA ASN C 130 -35.20 -19.05 -25.01
C ASN C 130 -34.31 -19.58 -26.12
N PRO C 131 -34.46 -20.82 -26.55
CA PRO C 131 -33.72 -21.29 -27.72
C PRO C 131 -34.24 -20.64 -28.99
N ALA C 132 -33.32 -20.28 -29.87
CA ALA C 132 -33.70 -19.74 -31.16
C ALA C 132 -34.25 -20.86 -32.05
N TYR C 133 -35.32 -20.55 -32.77
CA TYR C 133 -35.99 -21.57 -33.56
C TYR C 133 -36.38 -21.02 -34.93
N GLU D 4 -7.26 3.73 -13.87
CA GLU D 4 -6.50 4.94 -13.59
C GLU D 4 -6.97 5.60 -12.31
N VAL D 5 -6.05 6.31 -11.65
CA VAL D 5 -6.37 7.00 -10.41
C VAL D 5 -7.15 8.26 -10.74
N GLN D 6 -8.35 8.39 -10.18
CA GLN D 6 -9.23 9.49 -10.48
C GLN D 6 -9.86 10.00 -9.20
N LEU D 7 -9.92 11.32 -9.04
CA LEU D 7 -10.42 11.95 -7.83
C LEU D 7 -11.38 13.05 -8.27
N VAL D 8 -12.69 12.79 -8.21
CA VAL D 8 -13.70 13.73 -8.68
C VAL D 8 -14.33 14.37 -7.45
N GLU D 9 -14.09 15.66 -7.27
CA GLU D 9 -14.57 16.37 -6.09
C GLU D 9 -15.99 16.89 -6.32
N SER D 10 -16.60 17.38 -5.23
CA SER D 10 -17.91 17.99 -5.30
C SER D 10 -18.04 19.00 -4.16
N GLY D 11 -19.12 19.76 -4.19
CA GLY D 11 -19.34 20.81 -3.20
C GLY D 11 -19.13 22.18 -3.78
N GLY D 12 -18.57 23.09 -2.98
CA GLY D 12 -18.29 24.42 -3.47
C GLY D 12 -19.48 25.35 -3.40
N GLY D 13 -19.36 26.48 -4.11
CA GLY D 13 -20.42 27.46 -4.17
C GLY D 13 -20.07 28.75 -3.46
N LEU D 14 -21.06 29.65 -3.41
CA LEU D 14 -20.91 30.97 -2.82
C LEU D 14 -21.56 30.94 -1.44
N VAL D 15 -20.74 30.93 -0.40
CA VAL D 15 -21.21 30.88 0.98
C VAL D 15 -20.60 32.06 1.74
N LYS D 16 -21.45 32.79 2.46
CA LYS D 16 -20.99 33.91 3.26
C LYS D 16 -20.21 33.43 4.49
N SER D 17 -19.60 34.37 5.19
CA SER D 17 -18.73 34.04 6.30
C SER D 17 -19.53 33.55 7.49
N GLY D 18 -18.92 32.64 8.26
CA GLY D 18 -19.57 32.04 9.41
C GLY D 18 -20.42 30.83 9.11
N GLY D 19 -20.46 30.37 7.87
CA GLY D 19 -21.30 29.26 7.47
C GLY D 19 -20.66 27.91 7.72
N SER D 20 -21.06 26.94 6.89
CA SER D 20 -20.55 25.59 6.98
C SER D 20 -20.67 24.90 5.63
N LEU D 21 -19.80 23.93 5.38
CA LEU D 21 -19.80 23.17 4.14
C LEU D 21 -19.42 21.73 4.39
N LYS D 22 -19.50 20.94 3.32
CA LYS D 22 -18.99 19.58 3.26
C LYS D 22 -18.56 19.29 1.85
N LEU D 23 -17.30 18.91 1.66
CA LEU D 23 -16.79 18.49 0.37
C LEU D 23 -16.74 16.97 0.33
N SER D 24 -16.39 16.44 -0.83
CA SER D 24 -16.23 15.01 -0.99
C SER D 24 -15.19 14.74 -2.08
N CYS D 25 -14.95 13.47 -2.34
CA CYS D 25 -13.93 13.05 -3.29
C CYS D 25 -14.30 11.65 -3.74
N ALA D 26 -14.36 11.42 -5.05
CA ALA D 26 -14.95 10.18 -5.57
C ALA D 26 -14.02 8.99 -5.36
N ALA D 27 -12.75 9.14 -5.76
CA ALA D 27 -11.65 8.22 -5.44
C ALA D 27 -11.89 6.81 -5.98
N SER D 28 -11.88 6.71 -7.30
CA SER D 28 -12.01 5.44 -7.99
C SER D 28 -10.73 5.12 -8.76
N GLY D 29 -10.47 3.82 -8.91
CA GLY D 29 -9.33 3.35 -9.68
C GLY D 29 -8.26 2.64 -8.88
N PHE D 30 -8.41 2.56 -7.56
CA PHE D 30 -7.41 1.96 -6.68
C PHE D 30 -8.10 1.62 -5.37
N THR D 31 -7.41 0.81 -4.56
CA THR D 31 -7.94 0.45 -3.25
C THR D 31 -7.85 1.64 -2.33
N PHE D 32 -9.00 2.30 -2.12
CA PHE D 32 -9.07 3.54 -1.36
C PHE D 32 -8.71 3.34 0.11
N SER D 33 -9.04 2.18 0.68
CA SER D 33 -8.81 1.96 2.10
C SER D 33 -7.40 1.45 2.40
N SER D 34 -6.43 1.72 1.54
CA SER D 34 -5.05 1.36 1.84
C SER D 34 -4.18 2.60 2.00
N TYR D 35 -4.50 3.65 1.27
CA TYR D 35 -3.68 4.84 1.17
C TYR D 35 -4.20 5.95 2.09
N ALA D 36 -3.29 6.83 2.48
CA ALA D 36 -3.68 8.02 3.20
C ALA D 36 -4.17 9.08 2.21
N MET D 37 -4.90 10.07 2.74
CA MET D 37 -5.51 11.09 1.90
C MET D 37 -5.23 12.46 2.44
N SER D 38 -5.54 13.47 1.62
CA SER D 38 -5.17 14.84 1.94
C SER D 38 -6.12 15.81 1.25
N TRP D 39 -6.24 17.00 1.84
CA TRP D 39 -6.81 18.16 1.16
C TRP D 39 -5.72 19.20 0.98
N VAL D 40 -5.57 19.68 -0.26
CA VAL D 40 -4.59 20.72 -0.59
C VAL D 40 -5.34 21.85 -1.27
N ARG D 41 -5.13 23.07 -0.79
CA ARG D 41 -5.83 24.26 -1.26
C ARG D 41 -4.93 25.12 -2.14
N GLN D 42 -5.55 25.92 -2.98
CA GLN D 42 -4.84 26.86 -3.84
C GLN D 42 -5.60 28.18 -3.85
N THR D 43 -4.98 29.22 -3.27
CA THR D 43 -5.57 30.54 -3.18
C THR D 43 -5.73 31.17 -4.57
N PRO D 44 -6.61 32.17 -4.72
CA PRO D 44 -6.65 32.90 -6.00
C PRO D 44 -5.43 33.75 -6.28
N GLU D 45 -4.54 33.94 -5.30
CA GLU D 45 -3.24 34.55 -5.48
C GLU D 45 -2.21 33.57 -6.02
N LYS D 46 -2.63 32.35 -6.36
CA LYS D 46 -1.80 31.30 -6.98
C LYS D 46 -0.63 30.89 -6.10
N ARG D 47 -0.93 30.48 -4.86
CA ARG D 47 0.02 29.77 -4.03
C ARG D 47 -0.68 28.57 -3.41
N LEU D 48 0.05 27.46 -3.33
CA LEU D 48 -0.50 26.21 -2.83
C LEU D 48 -0.25 26.11 -1.32
N GLU D 49 -1.27 25.65 -0.59
CA GLU D 49 -1.17 25.47 0.84
C GLU D 49 -1.77 24.13 1.23
N TRP D 50 -1.40 23.64 2.41
CA TRP D 50 -1.83 22.35 2.89
C TRP D 50 -2.94 22.52 3.93
N VAL D 51 -3.90 21.60 3.92
CA VAL D 51 -5.02 21.69 4.86
C VAL D 51 -4.94 20.59 5.91
N ALA D 52 -5.02 19.33 5.49
CA ALA D 52 -5.15 18.24 6.44
C ALA D 52 -4.75 16.92 5.77
N THR D 53 -4.31 15.98 6.59
CA THR D 53 -4.12 14.59 6.19
C THR D 53 -4.90 13.67 7.11
N ILE D 54 -5.35 12.55 6.56
CA ILE D 54 -5.98 11.50 7.34
C ILE D 54 -5.33 10.18 6.92
N SER D 55 -5.13 9.29 7.89
CA SER D 55 -4.33 8.10 7.70
C SER D 55 -5.13 7.01 6.98
N ASP D 56 -4.63 5.78 7.07
CA ASP D 56 -5.29 4.62 6.47
C ASP D 56 -6.69 4.39 7.02
N GLY D 57 -6.78 4.02 8.30
CA GLY D 57 -8.07 3.74 8.89
C GLY D 57 -8.76 4.94 9.50
N GLY D 58 -8.22 6.12 9.32
CA GLY D 58 -8.77 7.31 9.92
C GLY D 58 -8.32 7.55 11.34
N ARG D 59 -7.21 6.97 11.73
CA ARG D 59 -6.75 7.09 13.10
C ARG D 59 -5.87 8.30 13.41
N TYR D 60 -4.84 8.52 12.60
CA TYR D 60 -3.88 9.59 12.81
C TYR D 60 -4.20 10.74 11.85
N ILE D 61 -4.43 11.91 12.40
CA ILE D 61 -4.93 13.06 11.66
C ILE D 61 -4.03 14.26 11.94
N TYR D 62 -3.56 14.92 10.90
CA TYR D 62 -2.72 16.10 11.03
C TYR D 62 -3.37 17.28 10.33
N TYR D 63 -3.56 18.37 11.07
CA TYR D 63 -4.10 19.61 10.52
C TYR D 63 -3.00 20.66 10.42
N SER D 64 -3.28 21.72 9.69
CA SER D 64 -2.38 22.87 9.68
C SER D 64 -2.82 23.85 10.76
N ASP D 65 -2.14 25.01 10.82
CA ASP D 65 -2.42 25.95 11.90
C ASP D 65 -3.71 26.74 11.64
N ASN D 66 -3.93 27.15 10.40
CA ASN D 66 -5.10 27.96 10.07
C ASN D 66 -6.35 27.13 9.79
N VAL D 67 -6.33 25.84 10.13
CA VAL D 67 -7.40 24.91 9.82
C VAL D 67 -7.90 24.26 11.10
N GLU D 68 -6.99 24.14 12.09
CA GLU D 68 -7.14 23.19 13.19
C GLU D 68 -8.32 23.52 14.10
N GLY D 69 -8.62 24.79 14.32
CA GLY D 69 -9.66 25.16 15.25
C GLY D 69 -11.07 24.93 14.75
N ARG D 70 -11.26 24.83 13.43
CA ARG D 70 -12.59 24.92 12.88
C ARG D 70 -12.93 23.92 11.78
N PHE D 71 -11.97 23.14 11.28
CA PHE D 71 -12.28 22.14 10.26
C PHE D 71 -12.10 20.74 10.83
N THR D 72 -12.84 19.78 10.27
CA THR D 72 -12.61 18.36 10.53
C THR D 72 -12.51 17.63 9.20
N ILE D 73 -11.79 16.51 9.21
CA ILE D 73 -11.60 15.66 8.04
C ILE D 73 -11.99 14.23 8.40
N SER D 74 -12.62 13.53 7.46
CA SER D 74 -13.08 12.18 7.70
C SER D 74 -13.13 11.42 6.38
N ARG D 75 -13.36 10.12 6.48
CA ARG D 75 -13.40 9.28 5.30
C ARG D 75 -14.33 8.10 5.54
N ASP D 76 -14.80 7.52 4.44
CA ASP D 76 -15.69 6.37 4.47
C ASP D 76 -15.11 5.31 3.55
N ASN D 77 -14.49 4.28 4.14
CA ASN D 77 -13.78 3.28 3.36
C ASN D 77 -14.70 2.28 2.66
N ALA D 78 -15.99 2.30 2.95
CA ALA D 78 -16.93 1.44 2.25
C ALA D 78 -17.62 2.14 1.08
N LYS D 79 -17.75 3.47 1.16
CA LYS D 79 -18.31 4.25 0.06
C LYS D 79 -17.24 4.99 -0.72
N ASN D 80 -15.96 4.82 -0.36
CA ASN D 80 -14.79 5.37 -1.05
C ASN D 80 -14.80 6.90 -1.11
N ASN D 81 -15.37 7.55 -0.10
CA ASN D 81 -15.45 9.00 -0.08
C ASN D 81 -14.44 9.59 0.89
N LEU D 82 -14.19 10.90 0.75
CA LEU D 82 -13.18 11.60 1.53
C LEU D 82 -13.68 13.01 1.78
N TYR D 83 -14.14 13.27 3.00
CA TYR D 83 -14.93 14.45 3.33
C TYR D 83 -14.07 15.55 3.95
N LEU D 84 -14.68 16.73 4.08
CA LEU D 84 -14.03 17.84 4.79
C LEU D 84 -15.15 18.76 5.27
N GLN D 85 -15.49 18.68 6.57
CA GLN D 85 -16.49 19.56 7.15
C GLN D 85 -15.87 20.90 7.50
N MET D 86 -16.57 21.98 7.17
CA MET D 86 -16.04 23.32 7.33
C MET D 86 -16.91 24.10 8.31
N SER D 87 -16.29 25.07 8.97
CA SER D 87 -17.01 25.94 9.88
C SER D 87 -16.27 27.26 10.01
N HIS D 88 -17.05 28.32 10.24
CA HIS D 88 -16.66 29.66 10.70
C HIS D 88 -15.94 30.52 9.67
N LEU D 89 -15.53 29.92 8.54
CA LEU D 89 -15.31 30.53 7.21
C LEU D 89 -14.75 31.96 7.23
N LYS D 90 -13.57 32.10 7.85
CA LYS D 90 -13.08 33.43 8.19
C LYS D 90 -12.43 34.18 7.03
N SER D 91 -13.13 34.29 5.90
CA SER D 91 -12.93 35.22 4.79
C SER D 91 -11.61 35.08 4.04
N GLU D 92 -10.74 34.14 4.43
CA GLU D 92 -9.46 33.97 3.78
C GLU D 92 -9.39 32.70 2.93
N ASP D 93 -10.23 31.72 3.24
CA ASP D 93 -10.26 30.44 2.55
C ASP D 93 -11.23 30.51 1.37
N THR D 94 -10.70 30.98 0.24
CA THR D 94 -11.46 31.05 -1.00
C THR D 94 -10.76 30.26 -2.10
N ALA D 95 -10.36 29.03 -1.79
CA ALA D 95 -9.47 28.25 -2.61
C ALA D 95 -10.22 27.28 -3.52
N ILE D 96 -9.48 26.34 -4.12
CA ILE D 96 -10.01 25.40 -5.10
C ILE D 96 -10.15 24.01 -4.45
N TYR D 97 -9.34 23.76 -3.41
CA TYR D 97 -9.43 22.57 -2.54
C TYR D 97 -9.28 21.26 -3.33
N HIS D 98 -8.06 21.04 -3.81
CA HIS D 98 -7.74 19.79 -4.48
C HIS D 98 -7.76 18.62 -3.51
N CYS D 99 -8.07 17.44 -4.05
CA CYS D 99 -8.09 16.19 -3.31
C CYS D 99 -6.90 15.36 -3.78
N ALA D 100 -5.96 15.11 -2.88
CA ALA D 100 -4.71 14.45 -3.24
C ALA D 100 -4.68 13.03 -2.68
N ARG D 101 -3.85 12.19 -3.31
CA ARG D 101 -3.60 10.84 -2.86
C ARG D 101 -2.20 10.81 -2.27
N ASP D 102 -2.07 10.34 -1.04
CA ASP D 102 -0.79 10.39 -0.38
C ASP D 102 0.13 9.28 -0.84
N SER D 103 1.43 9.55 -0.79
CA SER D 103 2.43 8.59 -1.20
C SER D 103 2.67 7.57 -0.11
N SER D 104 3.27 6.46 -0.50
CA SER D 104 3.64 5.42 0.47
C SER D 104 4.76 5.94 1.34
N GLY D 105 4.47 6.25 2.59
CA GLY D 105 5.49 6.88 3.40
C GLY D 105 5.08 7.40 4.75
N TYR D 106 5.87 8.32 5.31
CA TYR D 106 5.64 8.75 6.68
C TYR D 106 5.06 10.15 6.72
N PHE D 107 5.48 11.03 5.82
CA PHE D 107 4.76 12.26 5.51
C PHE D 107 4.64 12.35 3.99
N PRO D 108 3.51 12.81 3.46
CA PRO D 108 3.21 12.57 2.06
C PRO D 108 3.90 13.53 1.10
N TYR D 109 3.98 13.13 -0.16
CA TYR D 109 4.40 14.05 -1.22
C TYR D 109 3.48 14.06 -2.43
N PHE D 110 2.22 13.66 -2.29
CA PHE D 110 1.10 14.05 -3.16
C PHE D 110 1.29 13.58 -4.60
N SER D 111 1.21 12.26 -4.77
CA SER D 111 1.48 11.67 -6.08
C SER D 111 0.38 12.01 -7.10
N TYR D 112 -0.88 11.80 -6.74
CA TYR D 112 -1.99 12.10 -7.65
C TYR D 112 -2.85 13.23 -7.09
N TRP D 113 -3.67 13.81 -7.97
CA TRP D 113 -4.39 15.04 -7.67
C TRP D 113 -5.82 15.01 -8.21
N GLY D 114 -6.48 16.17 -8.19
CA GLY D 114 -7.83 16.27 -8.69
C GLY D 114 -8.17 17.68 -9.10
N GLN D 115 -9.36 17.84 -9.68
CA GLN D 115 -9.75 19.11 -10.29
C GLN D 115 -10.00 20.20 -9.25
N GLY D 116 -10.78 19.89 -8.22
CA GLY D 116 -11.05 20.86 -7.18
C GLY D 116 -12.38 21.59 -7.37
N THR D 117 -12.85 22.19 -6.28
CA THR D 117 -14.14 22.88 -6.25
C THR D 117 -13.97 24.28 -5.67
N LEU D 118 -14.37 25.29 -6.45
CA LEU D 118 -14.25 26.68 -6.03
C LEU D 118 -15.17 26.98 -4.84
N VAL D 119 -14.58 27.53 -3.79
CA VAL D 119 -15.31 27.98 -2.61
C VAL D 119 -14.99 29.45 -2.39
N THR D 120 -15.89 30.14 -1.71
CA THR D 120 -15.68 31.55 -1.35
C THR D 120 -16.02 31.80 0.11
N ASN E 4 7.69 26.61 10.94
CA ASN E 4 7.54 26.43 9.50
C ASN E 4 8.88 26.52 8.80
N ILE E 5 9.13 25.62 7.86
CA ILE E 5 10.34 25.65 7.05
C ILE E 5 9.96 26.36 5.75
N VAL E 6 10.27 27.65 5.68
CA VAL E 6 9.85 28.48 4.56
C VAL E 6 10.77 28.22 3.38
N LEU E 7 10.17 27.83 2.26
CA LEU E 7 10.89 27.66 1.00
C LEU E 7 10.76 28.93 0.19
N THR E 8 11.89 29.52 -0.18
CA THR E 8 11.92 30.79 -0.89
C THR E 8 12.48 30.56 -2.29
N GLN E 9 11.65 30.80 -3.30
CA GLN E 9 12.11 30.75 -4.69
C GLN E 9 13.07 31.91 -4.96
N SER E 10 14.21 31.60 -5.56
CA SER E 10 15.17 32.66 -5.85
C SER E 10 14.76 33.52 -7.05
N PRO E 11 14.19 32.99 -8.14
CA PRO E 11 13.49 33.89 -9.06
C PRO E 11 12.01 33.99 -8.74
N ALA E 12 11.37 35.01 -9.29
CA ALA E 12 9.92 35.11 -9.25
C ALA E 12 9.30 34.77 -10.60
N SER E 13 10.03 35.05 -11.67
CA SER E 13 9.61 34.72 -13.03
C SER E 13 10.86 34.61 -13.88
N LEU E 14 10.74 33.84 -14.97
CA LEU E 14 11.89 33.57 -15.81
C LEU E 14 11.40 33.34 -17.24
N ALA E 15 12.28 33.59 -18.20
CA ALA E 15 11.93 33.41 -19.60
C ALA E 15 13.17 32.96 -20.37
N VAL E 16 13.01 31.90 -21.17
CA VAL E 16 14.05 31.41 -22.06
C VAL E 16 13.45 31.21 -23.45
N SER E 17 14.31 30.79 -24.37
CA SER E 17 13.89 30.42 -25.72
C SER E 17 13.68 28.91 -25.77
N LEU E 18 13.46 28.37 -26.96
CA LEU E 18 13.25 26.93 -27.10
C LEU E 18 14.56 26.15 -27.14
N GLY E 19 15.71 26.83 -27.06
CA GLY E 19 16.98 26.14 -27.15
C GLY E 19 17.78 26.11 -25.87
N GLN E 20 17.67 27.18 -25.08
CA GLN E 20 18.53 27.32 -23.91
C GLN E 20 18.06 26.46 -22.76
N ARG E 21 18.97 26.24 -21.81
CA ARG E 21 18.63 25.54 -20.58
C ARG E 21 17.86 26.46 -19.65
N ALA E 22 17.26 25.88 -18.61
CA ALA E 22 16.47 26.63 -17.66
C ALA E 22 16.74 26.13 -16.26
N THR E 23 17.11 27.04 -15.37
CA THR E 23 17.39 26.71 -13.98
C THR E 23 16.40 27.41 -13.06
N ILE E 24 16.17 26.79 -11.91
CA ILE E 24 15.29 27.30 -10.87
C ILE E 24 15.72 26.70 -9.55
N SER E 25 15.83 27.52 -8.51
CA SER E 25 16.32 27.04 -7.23
C SER E 25 15.33 27.36 -6.13
N CYS E 26 15.26 26.46 -5.16
CA CYS E 26 14.55 26.68 -3.90
C CYS E 26 15.57 26.77 -2.78
N ARG E 27 15.28 27.60 -1.79
CA ARG E 27 16.16 27.80 -0.65
C ARG E 27 15.40 27.43 0.61
N ALA E 28 15.89 26.41 1.32
CA ALA E 28 15.20 25.92 2.50
C ALA E 28 15.58 26.72 3.73
N SER E 29 14.63 26.86 4.65
CA SER E 29 14.90 27.56 5.90
C SER E 29 15.81 26.74 6.80
N GLU E 30 15.58 25.43 6.88
CA GLU E 30 16.38 24.56 7.72
C GLU E 30 17.01 23.47 6.88
N SER E 31 17.68 22.51 7.52
CA SER E 31 18.19 21.35 6.81
C SER E 31 17.03 20.40 6.50
N VAL E 32 17.03 19.88 5.28
CA VAL E 32 15.98 18.96 4.85
C VAL E 32 16.50 17.53 4.73
N ASP E 33 17.76 17.34 4.34
CA ASP E 33 18.39 16.03 4.29
C ASP E 33 18.45 15.37 5.65
N HIS E 34 17.66 14.31 5.83
CA HIS E 34 17.40 13.75 7.15
C HIS E 34 18.44 12.72 7.55
N SER E 35 18.56 11.62 6.81
CA SER E 35 19.58 10.62 7.08
C SER E 35 20.59 10.52 5.95
N GLY E 36 20.15 10.21 4.74
CA GLY E 36 21.02 10.23 3.58
C GLY E 36 20.29 10.79 2.38
N ASN E 37 19.01 11.05 2.58
CA ASN E 37 18.08 11.45 1.53
C ASN E 37 17.37 12.74 1.92
N ASN E 38 17.18 13.61 0.94
CA ASN E 38 16.63 14.94 1.15
C ASN E 38 15.21 15.04 0.61
N PHE E 39 14.32 15.60 1.41
CA PHE E 39 12.88 15.53 1.15
C PHE E 39 12.39 16.84 0.53
N ILE E 40 12.74 17.04 -0.74
CA ILE E 40 12.28 18.18 -1.53
C ILE E 40 11.71 17.66 -2.83
N HIS E 41 10.51 18.09 -3.18
CA HIS E 41 9.80 17.58 -4.34
C HIS E 41 9.51 18.71 -5.31
N TRP E 42 9.26 18.36 -6.57
CA TRP E 42 9.08 19.34 -7.64
C TRP E 42 7.76 19.10 -8.35
N TYR E 43 7.05 20.20 -8.64
CA TYR E 43 5.74 20.12 -9.27
C TYR E 43 5.67 20.98 -10.52
N GLN E 44 4.68 20.70 -11.34
CA GLN E 44 4.41 21.43 -12.58
C GLN E 44 2.91 21.66 -12.69
N GLN E 45 2.51 22.93 -12.84
CA GLN E 45 1.10 23.26 -12.93
C GLN E 45 0.85 24.06 -14.21
N LYS E 46 0.25 23.41 -15.19
CA LYS E 46 -0.33 24.13 -16.32
C LYS E 46 -1.56 24.88 -15.83
N PRO E 47 -1.87 26.06 -16.42
CA PRO E 47 -2.84 26.97 -15.78
C PRO E 47 -4.28 26.48 -15.76
N GLY E 48 -4.64 25.47 -16.53
CA GLY E 48 -6.00 24.97 -16.49
C GLY E 48 -6.09 23.54 -15.98
N GLN E 49 -5.05 23.10 -15.28
CA GLN E 49 -4.91 21.71 -14.87
C GLN E 49 -4.49 21.66 -13.41
N PRO E 50 -4.75 20.55 -12.72
CA PRO E 50 -4.14 20.32 -11.41
C PRO E 50 -2.64 20.08 -11.56
N PRO E 51 -1.86 20.27 -10.49
CA PRO E 51 -0.42 20.05 -10.59
C PRO E 51 -0.08 18.58 -10.81
N LYS E 52 1.06 18.36 -11.47
CA LYS E 52 1.65 17.04 -11.60
C LYS E 52 2.97 17.00 -10.84
N LEU E 53 3.41 15.78 -10.54
CA LEU E 53 4.65 15.56 -9.81
C LEU E 53 5.76 15.26 -10.81
N LEU E 54 6.87 16.00 -10.72
CA LEU E 54 8.00 15.78 -11.60
C LEU E 54 9.12 14.99 -10.93
N ILE E 55 9.67 15.54 -9.85
CA ILE E 55 10.85 14.99 -9.21
C ILE E 55 10.55 14.80 -7.74
N TYR E 56 10.57 13.57 -7.27
CA TYR E 56 10.40 13.27 -5.86
C TYR E 56 11.73 12.89 -5.24
N LEU E 57 11.89 13.27 -3.97
CA LEU E 57 13.10 13.07 -3.17
C LEU E 57 14.32 13.74 -3.80
N ALA E 58 14.09 14.84 -4.52
CA ALA E 58 15.06 15.77 -5.11
C ALA E 58 15.94 15.19 -6.21
N SER E 59 15.84 13.90 -6.49
CA SER E 59 16.62 13.36 -7.60
C SER E 59 15.95 12.26 -8.40
N HIS E 60 14.70 11.88 -8.10
CA HIS E 60 14.07 10.73 -8.73
C HIS E 60 12.94 11.21 -9.63
N LEU E 61 12.98 10.82 -10.89
CA LEU E 61 11.95 11.20 -11.85
C LEU E 61 10.75 10.27 -11.77
N GLU E 62 9.56 10.88 -11.76
CA GLU E 62 8.31 10.14 -11.81
C GLU E 62 8.19 9.46 -13.18
N SER E 63 7.43 8.35 -13.21
CA SER E 63 7.37 7.50 -14.39
C SER E 63 6.71 8.18 -15.59
N GLY E 64 5.89 9.20 -15.37
CA GLY E 64 5.32 9.93 -16.48
C GLY E 64 6.18 11.04 -17.04
N VAL E 65 7.29 11.35 -16.39
CA VAL E 65 8.14 12.47 -16.81
C VAL E 65 8.93 12.05 -18.04
N PRO E 66 9.04 12.91 -19.08
CA PRO E 66 9.78 12.52 -20.29
C PRO E 66 11.30 12.59 -20.20
N ALA E 67 11.84 12.67 -18.97
CA ALA E 67 13.24 12.47 -18.64
C ALA E 67 14.16 13.54 -19.23
N ARG E 68 13.68 14.76 -19.41
CA ARG E 68 14.57 15.89 -19.62
C ARG E 68 14.68 16.78 -18.40
N PHE E 69 14.23 16.29 -17.24
CA PHE E 69 14.32 17.03 -16.00
C PHE E 69 15.35 16.38 -15.09
N SER E 70 15.91 17.18 -14.18
CA SER E 70 16.88 16.68 -13.23
C SER E 70 16.90 17.57 -12.01
N GLY E 71 17.58 17.12 -10.97
CA GLY E 71 17.67 17.88 -9.74
C GLY E 71 18.81 17.41 -8.88
N SER E 72 19.27 18.30 -8.01
CA SER E 72 20.33 17.99 -7.05
C SER E 72 20.28 19.03 -5.93
N GLY E 73 21.07 18.79 -4.91
CA GLY E 73 21.18 19.73 -3.80
C GLY E 73 21.49 19.01 -2.50
N SER E 74 21.79 19.81 -1.49
CA SER E 74 22.17 19.29 -0.19
C SER E 74 21.85 20.31 0.90
N ARG E 75 20.76 20.08 1.62
CA ARG E 75 20.40 20.65 2.93
C ARG E 75 19.99 22.12 2.94
N THR E 76 20.31 22.88 1.89
CA THR E 76 19.85 24.27 1.81
C THR E 76 19.27 24.66 0.47
N ASP E 77 19.86 24.20 -0.63
CA ASP E 77 19.58 24.75 -1.95
C ASP E 77 19.42 23.62 -2.96
N PHE E 78 18.29 23.63 -3.66
CA PHE E 78 17.92 22.53 -4.53
C PHE E 78 17.50 23.10 -5.89
N THR E 79 18.10 22.57 -6.95
CA THR E 79 17.92 23.14 -8.27
C THR E 79 17.17 22.17 -9.16
N LEU E 80 16.72 22.69 -10.30
CA LEU E 80 16.08 21.91 -11.35
C LEU E 80 16.55 22.44 -12.69
N THR E 81 17.16 21.58 -13.49
CA THR E 81 17.73 21.96 -14.78
C THR E 81 16.97 21.26 -15.90
N ILE E 82 16.65 22.00 -16.94
CA ILE E 82 15.92 21.49 -18.09
C ILE E 82 16.83 21.64 -19.30
N ASP E 83 17.45 20.54 -19.74
CA ASP E 83 18.15 20.56 -21.01
C ASP E 83 17.12 20.62 -22.14
N PRO E 84 17.49 21.20 -23.33
CA PRO E 84 16.66 22.26 -23.97
C PRO E 84 15.14 22.19 -23.86
N VAL E 85 14.57 23.31 -23.43
CA VAL E 85 13.14 23.49 -23.15
C VAL E 85 12.30 23.28 -24.40
N GLU E 86 11.28 22.43 -24.29
CA GLU E 86 10.37 22.17 -25.39
C GLU E 86 9.07 22.93 -25.13
N ALA E 87 8.07 22.66 -25.98
CA ALA E 87 6.86 23.48 -25.98
C ALA E 87 5.99 23.22 -24.75
N ASP E 88 5.99 21.98 -24.25
CA ASP E 88 5.11 21.64 -23.14
C ASP E 88 5.68 22.11 -21.81
N ASP E 89 6.96 22.49 -21.79
CA ASP E 89 7.63 22.74 -20.53
C ASP E 89 7.34 24.14 -19.98
N PHE E 90 6.59 24.95 -20.73
CA PHE E 90 6.23 26.29 -20.27
C PHE E 90 5.07 26.23 -19.26
N ALA E 91 5.39 26.27 -17.98
CA ALA E 91 4.38 26.23 -16.93
C ALA E 91 4.94 26.84 -15.66
N THR E 92 4.23 26.64 -14.57
CA THR E 92 4.71 27.05 -13.26
C THR E 92 5.34 25.88 -12.54
N TYR E 93 6.22 26.18 -11.58
CA TYR E 93 6.98 25.14 -10.88
C TYR E 93 7.02 25.45 -9.40
N TYR E 94 6.37 24.62 -8.60
CA TYR E 94 6.39 24.72 -7.16
C TYR E 94 7.34 23.68 -6.58
N CYS E 95 7.83 23.96 -5.38
CA CYS E 95 8.58 22.97 -4.63
C CYS E 95 8.00 22.86 -3.23
N GLN E 96 7.98 21.66 -2.69
CA GLN E 96 7.45 21.43 -1.35
C GLN E 96 8.50 20.82 -0.44
N GLN E 97 8.09 20.62 0.80
CA GLN E 97 8.95 20.22 1.90
C GLN E 97 8.24 19.11 2.65
N ASN E 98 8.97 18.02 2.92
CA ASN E 98 8.34 16.81 3.42
C ASN E 98 8.88 16.38 4.78
N ASN E 99 9.85 17.12 5.32
CA ASN E 99 10.56 16.66 6.52
C ASN E 99 9.74 16.89 7.78
N GLU E 100 8.90 17.91 7.79
CA GLU E 100 8.20 18.33 9.00
C GLU E 100 6.69 18.21 8.79
N VAL E 101 5.95 18.22 9.90
CA VAL E 101 4.49 18.09 9.92
C VAL E 101 3.72 19.18 9.16
N PRO E 102 3.99 20.50 9.28
CA PRO E 102 3.10 21.47 8.61
C PRO E 102 3.17 21.49 7.09
N LEU E 103 4.21 20.93 6.47
CA LEU E 103 4.31 20.70 5.02
C LEU E 103 4.20 22.01 4.23
N THR E 104 5.17 22.88 4.47
CA THR E 104 5.17 24.19 3.82
C THR E 104 5.60 24.06 2.37
N PHE E 105 5.02 24.88 1.51
CA PHE E 105 5.28 24.79 0.08
C PHE E 105 6.08 26.00 -0.39
N GLY E 106 6.26 26.07 -1.72
CA GLY E 106 6.98 27.17 -2.32
C GLY E 106 6.07 28.20 -2.94
N ALA E 107 6.68 29.32 -3.36
CA ALA E 107 5.92 30.39 -3.99
C ALA E 107 5.68 30.14 -5.47
N GLY E 108 6.62 29.48 -6.14
CA GLY E 108 6.46 29.13 -7.54
C GLY E 108 6.91 30.26 -8.46
N THR E 109 7.44 29.86 -9.62
CA THR E 109 7.82 30.80 -10.67
C THR E 109 6.94 30.55 -11.88
N LYS E 110 7.24 31.27 -12.97
CA LYS E 110 6.53 31.12 -14.23
C LYS E 110 7.52 31.10 -15.38
N LEU E 111 7.03 30.71 -16.55
CA LEU E 111 7.82 30.77 -17.77
C LEU E 111 7.09 31.49 -18.90
#